data_3L15
#
_entry.id   3L15
#
_cell.length_a   121.144
_cell.length_b   61.567
_cell.length_c   80.472
_cell.angle_alpha   90.00
_cell.angle_beta   117.27
_cell.angle_gamma   90.00
#
_symmetry.space_group_name_H-M   'C 1 2 1'
#
loop_
_entity.id
_entity.type
_entity.pdbx_description
1 polymer 'Transcriptional enhancer factor TEF-4'
2 non-polymer GLYCEROL
3 water water
#
_entity_poly.entity_id   1
_entity_poly.type   'polypeptide(L)'
_entity_poly.pdbx_seq_one_letter_code
;AWQARGLGTARLQLVEFSAFVEPPDAVDSYQRHLFVHISQHCPSPGAPPLESVDVRQIYDKFPEKKGGLRELYDRGPPHA
FFLVKFWADLNWGPSGEEAGAGGSISSGGFYGVSSQYESLEH(MSE)TLTCSSKVCSFGKQVVEKVETERAQLEDGRFVY
RLLRSP(MSE)CEYLVNFLHKLRQLPERY(MSE)(MSE)NSVLENFTILQVVTNRDTQELLLCTAYVFEVSTSERGAQHH
IYRLVRD
;
_entity_poly.pdbx_strand_id   A,B
#
loop_
_chem_comp.id
_chem_comp.type
_chem_comp.name
_chem_comp.formula
GOL non-polymer GLYCEROL 'C3 H8 O3'
#
# COMPACT_ATOMS: atom_id res chain seq x y z
N GLY A 6 -17.29 16.42 16.82
CA GLY A 6 -16.17 15.53 16.68
C GLY A 6 -15.87 15.23 15.22
N LEU A 7 -14.86 14.39 15.01
CA LEU A 7 -14.58 13.91 13.68
C LEU A 7 -15.63 12.85 13.32
N GLY A 8 -16.56 13.20 12.44
CA GLY A 8 -17.69 12.32 12.20
C GLY A 8 -18.81 12.98 11.44
N THR A 9 -19.71 12.17 10.90
CA THR A 9 -20.93 12.65 10.29
C THR A 9 -22.16 11.95 10.94
N ALA A 10 -23.36 12.15 10.40
CA ALA A 10 -24.52 11.43 10.91
C ALA A 10 -24.28 9.92 10.83
N ARG A 11 -23.63 9.48 9.76
CA ARG A 11 -23.49 8.05 9.49
C ARG A 11 -22.34 7.32 10.19
N LEU A 12 -21.29 8.02 10.56
CA LEU A 12 -20.05 7.34 11.01
C LEU A 12 -19.22 8.30 11.77
N GLN A 13 -18.68 7.87 12.90
CA GLN A 13 -17.84 8.75 13.68
C GLN A 13 -16.54 8.05 14.02
N LEU A 14 -15.43 8.80 13.99
CA LEU A 14 -14.18 8.27 14.50
C LEU A 14 -14.28 8.19 16.02
N VAL A 15 -13.92 7.06 16.61
CA VAL A 15 -13.96 6.90 18.06
C VAL A 15 -12.58 6.94 18.71
N GLU A 16 -11.56 6.44 18.00
CA GLU A 16 -10.21 6.24 18.55
C GLU A 16 -9.26 6.19 17.37
N PHE A 17 -8.06 6.74 17.53
CA PHE A 17 -7.04 6.59 16.50
C PHE A 17 -5.73 6.75 17.24
N SER A 18 -4.94 5.71 17.26
CA SER A 18 -3.60 5.82 17.82
C SER A 18 -2.55 5.28 16.83
N ALA A 19 -1.33 5.83 16.87
CA ALA A 19 -0.19 5.23 16.21
C ALA A 19 0.90 5.11 17.28
N PHE A 20 1.52 3.96 17.34
CA PHE A 20 2.35 3.61 18.49
C PHE A 20 3.46 2.62 18.16
N VAL A 21 4.36 2.47 19.13
CA VAL A 21 5.40 1.44 19.08
C VAL A 21 5.50 0.76 20.43
N GLU A 22 5.58 -0.57 20.38
CA GLU A 22 5.70 -1.40 21.58
C GLU A 22 7.05 -2.12 21.60
N PRO A 23 7.52 -2.51 22.79
CA PRO A 23 8.71 -3.34 22.91
C PRO A 23 8.40 -4.82 22.68
N GLN A 31 4.59 -1.64 28.12
CA GLN A 31 3.87 -0.39 27.89
C GLN A 31 4.25 0.19 26.54
N ARG A 32 3.29 0.81 25.87
CA ARG A 32 3.54 1.33 24.54
C ARG A 32 3.78 2.83 24.57
N HIS A 33 4.45 3.32 23.53
CA HIS A 33 4.61 4.76 23.33
C HIS A 33 3.69 5.15 22.19
N LEU A 34 2.78 6.08 22.45
CA LEU A 34 1.95 6.65 21.38
C LEU A 34 2.58 7.89 20.74
N PHE A 35 2.75 7.86 19.41
CA PHE A 35 3.15 9.07 18.67
C PHE A 35 2.05 10.11 18.57
N VAL A 36 0.84 9.62 18.37
CA VAL A 36 -0.33 10.48 18.26
C VAL A 36 -1.48 9.63 18.72
N HIS A 37 -2.50 10.28 19.26
CA HIS A 37 -3.60 9.57 19.84
C HIS A 37 -4.79 10.51 19.83
N ILE A 38 -5.88 10.04 19.24
CA ILE A 38 -7.16 10.73 19.35
C ILE A 38 -8.10 9.78 20.04
N SER A 39 -8.73 10.22 21.12
CA SER A 39 -9.77 9.41 21.74
C SER A 39 -11.04 10.27 21.87
N GLN A 40 -12.11 9.90 21.17
CA GLN A 40 -13.34 10.73 21.18
C GLN A 40 -14.50 10.11 21.95
N LEU A 50 -16.24 23.37 16.29
CA LEU A 50 -15.07 23.02 15.49
C LEU A 50 -14.73 24.17 14.56
N GLU A 51 -13.46 24.56 14.52
CA GLU A 51 -13.02 25.62 13.62
C GLU A 51 -12.92 25.04 12.22
N SER A 52 -12.86 25.91 11.21
CA SER A 52 -12.83 25.46 9.84
C SER A 52 -11.50 25.87 9.24
N VAL A 53 -11.16 25.19 8.15
CA VAL A 53 -10.02 25.53 7.34
C VAL A 53 -10.40 25.45 5.88
N ASP A 54 -9.91 26.38 5.07
CA ASP A 54 -10.22 26.32 3.65
C ASP A 54 -9.37 25.26 2.98
N VAL A 55 -10.02 24.34 2.29
CA VAL A 55 -9.32 23.19 1.73
C VAL A 55 -8.29 23.64 0.69
N ARG A 56 -8.45 24.82 0.14
CA ARG A 56 -7.50 25.31 -0.85
C ARG A 56 -6.14 25.55 -0.20
N GLN A 57 -6.14 25.88 1.10
CA GLN A 57 -4.89 26.01 1.83
C GLN A 57 -4.08 24.70 1.81
N ILE A 58 -4.69 23.57 1.48
CA ILE A 58 -3.94 22.33 1.56
C ILE A 58 -3.90 21.49 0.28
N TYR A 59 -4.46 21.98 -0.82
CA TYR A 59 -4.48 21.26 -2.09
C TYR A 59 -3.08 20.79 -2.50
N ASP A 60 -2.09 21.63 -2.23
CA ASP A 60 -0.72 21.39 -2.68
C ASP A 60 0.04 20.29 -1.91
N LYS A 61 -0.56 19.78 -0.84
CA LYS A 61 0.07 18.74 -0.04
C LYS A 61 -0.39 17.35 -0.45
N PHE A 62 -1.26 17.27 -1.45
CA PHE A 62 -1.77 15.97 -1.90
C PHE A 62 -1.73 15.88 -3.43
N PRO A 63 -1.60 14.66 -3.96
CA PRO A 63 -1.59 14.43 -5.42
C PRO A 63 -2.83 14.97 -6.13
N GLU A 64 -2.65 15.43 -7.37
CA GLU A 64 -3.77 15.62 -8.27
C GLU A 64 -4.05 14.28 -8.93
N LYS A 65 -4.31 13.26 -8.11
CA LYS A 65 -4.31 11.86 -8.54
C LYS A 65 -5.12 11.51 -9.81
N LYS A 66 -6.29 12.10 -10.02
CA LYS A 66 -6.86 13.16 -9.19
C LYS A 66 -7.70 12.59 -8.05
N GLY A 67 -7.77 11.26 -7.94
CA GLY A 67 -8.44 10.63 -6.83
C GLY A 67 -8.10 11.27 -5.49
N GLY A 68 -7.07 12.10 -5.48
CA GLY A 68 -6.67 12.86 -4.31
C GLY A 68 -7.69 13.91 -3.91
N LEU A 69 -7.22 14.87 -3.11
CA LEU A 69 -8.10 15.69 -2.29
C LEU A 69 -9.05 16.57 -3.08
N ARG A 70 -8.52 17.28 -4.07
CA ARG A 70 -9.34 18.22 -4.82
C ARG A 70 -10.49 17.52 -5.52
N GLU A 71 -10.21 16.38 -6.14
CA GLU A 71 -11.23 15.66 -6.86
C GLU A 71 -12.35 15.17 -5.91
N LEU A 72 -11.95 14.48 -4.85
CA LEU A 72 -12.89 14.04 -3.81
C LEU A 72 -13.77 15.18 -3.32
N TYR A 73 -13.17 16.29 -2.95
CA TYR A 73 -13.94 17.37 -2.38
C TYR A 73 -14.99 17.90 -3.36
N ASP A 74 -14.60 18.01 -4.63
CA ASP A 74 -15.51 18.42 -5.68
C ASP A 74 -16.77 17.55 -5.68
N ARG A 75 -16.56 16.24 -5.63
CA ARG A 75 -17.65 15.27 -5.66
C ARG A 75 -18.37 15.11 -4.31
N GLY A 76 -17.83 15.70 -3.25
CA GLY A 76 -18.52 15.81 -1.98
C GLY A 76 -18.97 14.53 -1.30
N PRO A 77 -19.78 14.66 -0.25
CA PRO A 77 -20.27 15.95 0.25
C PRO A 77 -19.22 16.64 1.11
N PRO A 78 -19.23 17.98 1.16
CA PRO A 78 -18.27 18.74 1.93
C PRO A 78 -18.22 18.43 3.42
N HIS A 79 -19.33 18.11 4.07
CA HIS A 79 -19.37 17.92 5.54
C HIS A 79 -18.72 16.60 5.95
N ALA A 80 -18.37 15.75 4.99
CA ALA A 80 -17.65 14.53 5.33
C ALA A 80 -16.09 14.74 5.44
N PHE A 81 -15.62 15.97 5.18
CA PHE A 81 -14.16 16.24 5.03
C PHE A 81 -13.61 17.02 6.21
N PHE A 82 -12.51 16.52 6.79
CA PHE A 82 -11.94 17.00 8.04
C PHE A 82 -10.39 17.08 7.90
N LEU A 83 -9.77 18.00 8.62
CA LEU A 83 -8.31 18.13 8.67
C LEU A 83 -7.92 17.89 10.09
N VAL A 84 -7.03 16.96 10.33
CA VAL A 84 -6.45 16.86 11.65
C VAL A 84 -4.99 17.37 11.63
N LYS A 85 -4.59 18.25 12.56
CA LYS A 85 -3.19 18.67 12.64
C LYS A 85 -2.63 17.96 13.88
N PHE A 86 -1.62 17.10 13.72
CA PHE A 86 -1.00 16.45 14.88
C PHE A 86 0.33 17.10 15.31
N TRP A 87 0.53 17.25 16.62
CA TRP A 87 1.88 17.45 17.17
C TRP A 87 2.32 16.12 17.78
N ALA A 88 3.18 15.39 17.08
CA ALA A 88 3.55 14.04 17.50
C ALA A 88 4.58 14.02 18.60
N ASP A 89 4.54 12.99 19.42
CA ASP A 89 5.59 12.72 20.38
C ASP A 89 6.59 11.74 19.79
N LEU A 90 7.75 12.23 19.32
CA LEU A 90 8.76 11.36 18.74
C LEU A 90 9.85 10.98 19.72
N ASN A 91 9.50 11.00 21.01
CA ASN A 91 10.48 10.92 22.08
C ASN A 91 10.40 9.61 22.81
N TRP A 92 10.80 8.52 22.14
CA TRP A 92 10.85 7.21 22.77
C TRP A 92 12.25 6.60 22.68
N GLY A 109 11.15 -3.48 17.35
CA GLY A 109 9.83 -3.40 17.99
C GLY A 109 8.67 -3.48 17.00
N PHE A 110 7.44 -3.51 17.52
CA PHE A 110 6.26 -3.55 16.66
C PHE A 110 5.65 -2.16 16.53
N TYR A 111 5.43 -1.73 15.29
CA TYR A 111 4.87 -0.41 15.00
C TYR A 111 3.49 -0.64 14.44
N GLY A 112 2.50 -0.07 15.08
CA GLY A 112 1.13 -0.30 14.67
C GLY A 112 0.28 0.95 14.61
N VAL A 113 -0.87 0.81 13.92
CA VAL A 113 -1.85 1.85 13.84
C VAL A 113 -3.17 1.16 14.25
N SER A 114 -3.95 1.79 15.11
CA SER A 114 -5.28 1.29 15.50
C SER A 114 -6.32 2.36 15.27
N SER A 115 -7.44 1.99 14.66
CA SER A 115 -8.51 2.95 14.43
C SER A 115 -9.81 2.30 14.86
N GLN A 116 -10.74 3.11 15.35
CA GLN A 116 -12.05 2.53 15.71
C GLN A 116 -13.09 3.53 15.33
N TYR A 117 -14.11 3.08 14.57
CA TYR A 117 -15.26 3.94 14.25
C TYR A 117 -16.57 3.32 14.80
N GLU A 118 -17.65 4.07 14.80
CA GLU A 118 -18.93 3.50 15.16
C GLU A 118 -20.01 4.15 14.37
N SER A 119 -21.15 3.45 14.20
CA SER A 119 -22.37 4.05 13.68
C SER A 119 -23.57 3.29 14.23
N LEU A 120 -24.74 3.84 13.95
CA LEU A 120 -26.02 3.15 14.18
C LEU A 120 -26.47 2.26 13.01
N GLU A 121 -25.81 2.35 11.85
CA GLU A 121 -26.18 1.46 10.73
C GLU A 121 -25.20 0.33 10.58
N HIS A 122 -25.69 -0.83 10.13
CA HIS A 122 -24.80 -1.96 9.94
C HIS A 122 -24.24 -1.84 8.52
N MSE A 123 -22.92 -1.69 8.43
CA MSE A 123 -22.24 -1.54 7.15
C MSE A 123 -20.97 -2.36 7.16
O MSE A 123 -20.52 -2.83 8.20
CB MSE A 123 -21.85 -0.08 6.87
CG MSE A 123 -23.02 0.85 6.70
SE MSE A 123 -22.51 2.77 6.73
CE MSE A 123 -21.70 2.97 8.54
H MSE A 123 -22.39 -1.64 9.11
HA MSE A 123 -22.83 -1.86 6.44
HB2 MSE A 123 -21.31 0.24 7.61
HB3 MSE A 123 -21.32 -0.06 6.05
HG2 MSE A 123 -23.44 0.67 5.84
HG3 MSE A 123 -23.65 0.69 7.42
HE1 MSE A 123 -21.41 3.88 8.65
HE2 MSE A 123 -22.34 2.74 9.21
HE3 MSE A 123 -20.93 2.38 8.60
N THR A 124 -20.41 -2.50 5.97
CA THR A 124 -19.03 -2.91 5.78
C THR A 124 -18.23 -1.70 5.26
N LEU A 125 -17.10 -1.40 5.90
CA LEU A 125 -16.34 -0.17 5.57
C LEU A 125 -15.07 -0.50 4.73
N THR A 126 -14.75 0.37 3.77
CA THR A 126 -13.45 0.32 3.15
C THR A 126 -12.62 1.54 3.62
N CYS A 127 -11.42 1.31 4.12
CA CYS A 127 -10.61 2.38 4.69
C CYS A 127 -9.35 2.46 3.85
N SER A 128 -9.19 3.58 3.13
CA SER A 128 -7.97 3.76 2.34
C SER A 128 -7.11 4.81 3.02
N SER A 129 -5.82 4.52 3.19
CA SER A 129 -4.87 5.45 3.83
C SER A 129 -3.75 5.70 2.85
N LYS A 130 -3.56 6.95 2.47
CA LYS A 130 -2.59 7.26 1.42
C LYS A 130 -1.51 8.15 2.04
N VAL A 131 -0.28 7.71 2.08
CA VAL A 131 0.79 8.55 2.58
C VAL A 131 1.37 9.35 1.42
N CYS A 132 1.56 10.67 1.59
CA CYS A 132 2.11 11.50 0.54
C CYS A 132 3.39 12.21 1.00
N SER A 133 4.31 12.35 0.06
CA SER A 133 5.59 12.98 0.34
C SER A 133 5.83 13.94 -0.80
N PHE A 134 5.91 15.23 -0.49
CA PHE A 134 6.13 16.26 -1.49
C PHE A 134 5.00 16.15 -2.54
N GLY A 135 3.76 16.01 -2.08
CA GLY A 135 2.62 16.01 -2.98
C GLY A 135 2.45 14.76 -3.86
N LYS A 136 3.33 13.77 -3.69
CA LYS A 136 3.16 12.51 -4.41
C LYS A 136 2.82 11.35 -3.48
N GLN A 137 1.94 10.49 -3.93
CA GLN A 137 1.52 9.38 -3.11
C GLN A 137 2.65 8.36 -3.08
N VAL A 138 3.14 8.02 -1.91
CA VAL A 138 4.13 6.95 -1.85
C VAL A 138 3.59 5.67 -1.21
N VAL A 139 2.48 5.73 -0.48
CA VAL A 139 1.93 4.49 0.08
C VAL A 139 0.42 4.52 -0.12
N GLU A 140 -0.18 3.40 -0.48
CA GLU A 140 -1.62 3.32 -0.36
C GLU A 140 -1.97 2.02 0.32
N LYS A 141 -2.74 2.10 1.38
CA LYS A 141 -3.11 0.91 2.15
C LYS A 141 -4.64 0.81 2.21
N VAL A 142 -5.18 -0.30 1.72
CA VAL A 142 -6.66 -0.43 1.70
C VAL A 142 -7.06 -1.60 2.60
N GLU A 143 -7.94 -1.35 3.57
CA GLU A 143 -8.41 -2.40 4.47
C GLU A 143 -9.95 -2.40 4.49
N THR A 144 -10.57 -3.53 4.82
CA THR A 144 -12.01 -3.52 5.00
C THR A 144 -12.37 -4.05 6.39
N GLU A 145 -13.49 -3.57 6.90
CA GLU A 145 -13.90 -3.93 8.24
C GLU A 145 -15.44 -3.99 8.27
N ARG A 146 -15.96 -5.12 8.70
CA ARG A 146 -17.41 -5.33 8.85
C ARG A 146 -17.87 -4.88 10.24
N ALA A 147 -19.07 -4.30 10.34
CA ALA A 147 -19.67 -3.92 11.64
C ALA A 147 -19.64 -5.05 12.64
N GLN A 148 -19.48 -4.69 13.92
CA GLN A 148 -19.59 -5.64 15.03
C GLN A 148 -20.57 -5.02 16.00
N LEU A 149 -21.65 -5.73 16.29
CA LEU A 149 -22.70 -5.17 17.14
C LEU A 149 -22.16 -5.15 18.56
N GLU A 150 -22.36 -4.05 19.25
CA GLU A 150 -21.85 -3.93 20.62
C GLU A 150 -22.49 -2.77 21.36
N ASP A 151 -23.08 -3.09 22.50
CA ASP A 151 -23.81 -2.14 23.33
C ASP A 151 -24.68 -1.18 22.56
N GLY A 152 -25.60 -1.73 21.79
CA GLY A 152 -26.57 -0.90 21.13
C GLY A 152 -26.10 -0.16 19.88
N ARG A 153 -24.85 -0.30 19.46
CA ARG A 153 -24.47 0.28 18.16
C ARG A 153 -23.43 -0.59 17.42
N PHE A 154 -22.96 -0.13 16.24
CA PHE A 154 -22.05 -0.92 15.45
C PHE A 154 -20.67 -0.28 15.57
N VAL A 155 -19.67 -1.09 15.88
CA VAL A 155 -18.29 -0.60 15.96
C VAL A 155 -17.45 -1.24 14.87
N TYR A 156 -16.48 -0.48 14.38
CA TYR A 156 -15.59 -1.00 13.36
C TYR A 156 -14.18 -0.85 13.95
N ARG A 157 -13.54 -1.97 14.23
CA ARG A 157 -12.23 -1.95 14.90
C ARG A 157 -11.14 -2.41 13.97
N LEU A 158 -10.25 -1.50 13.60
CA LEU A 158 -9.09 -1.85 12.79
C LEU A 158 -7.86 -1.73 13.67
N LEU A 159 -7.58 -2.79 14.43
CA LEU A 159 -6.67 -2.66 15.54
C LEU A 159 -5.36 -3.33 15.18
N ARG A 160 -4.30 -2.64 15.58
CA ARG A 160 -2.93 -3.08 15.42
C ARG A 160 -2.60 -3.47 13.98
N SER A 161 -2.97 -2.63 13.04
CA SER A 161 -2.47 -2.81 11.68
C SER A 161 -0.97 -2.50 11.75
N PRO A 162 -0.12 -3.32 11.12
CA PRO A 162 1.30 -2.93 11.13
C PRO A 162 1.50 -1.68 10.28
N MSE A 163 2.10 -0.65 10.87
CA MSE A 163 2.46 0.55 10.14
C MSE A 163 3.32 0.22 8.90
O MSE A 163 4.15 -0.67 8.95
CB MSE A 163 3.18 1.50 11.11
CG MSE A 163 3.60 2.83 10.54
SE MSE A 163 4.54 3.82 11.98
CE MSE A 163 2.95 3.85 13.26
H MSE A 163 2.32 -0.63 11.71
HA MSE A 163 1.64 1.00 9.84
HB2 MSE A 163 2.60 1.68 11.86
HB3 MSE A 163 3.99 1.05 11.42
HG2 MSE A 163 4.20 2.70 9.79
HG3 MSE A 163 2.81 3.33 10.26
HE1 MSE A 163 3.21 4.31 14.06
HE2 MSE A 163 2.22 4.30 12.83
HE3 MSE A 163 2.70 2.94 13.46
N CYS A 164 3.09 0.90 7.77
CA CYS A 164 3.87 0.60 6.57
C CYS A 164 5.34 0.91 6.86
N GLU A 165 6.24 0.17 6.22
CA GLU A 165 7.66 0.24 6.51
C GLU A 165 8.23 1.55 5.98
N TYR A 166 7.61 2.12 4.95
CA TYR A 166 8.01 3.42 4.52
C TYR A 166 8.02 4.26 5.81
N LEU A 167 6.90 4.25 6.54
CA LEU A 167 6.79 5.13 7.69
C LEU A 167 7.68 4.72 8.82
N VAL A 168 7.88 3.43 9.02
CA VAL A 168 8.72 3.00 10.13
C VAL A 168 10.16 3.50 9.83
N ASN A 169 10.61 3.34 8.59
CA ASN A 169 11.96 3.79 8.21
C ASN A 169 12.10 5.32 8.28
N PHE A 170 11.08 6.00 7.81
CA PHE A 170 11.03 7.44 7.89
C PHE A 170 11.15 7.95 9.36
N LEU A 171 10.43 7.31 10.28
CA LEU A 171 10.47 7.72 11.69
C LEU A 171 11.88 7.49 12.25
N HIS A 172 12.51 6.38 11.93
CA HIS A 172 13.85 6.20 12.47
C HIS A 172 14.85 7.23 11.96
N LYS A 173 14.68 7.73 10.74
CA LYS A 173 15.58 8.76 10.27
C LYS A 173 15.24 10.06 10.93
N LEU A 174 13.94 10.32 11.03
CA LEU A 174 13.49 11.60 11.55
C LEU A 174 13.98 11.71 12.98
N ARG A 175 14.03 10.57 13.63
CA ARG A 175 14.44 10.50 15.01
C ARG A 175 15.93 10.92 15.13
N GLN A 176 16.67 10.84 14.03
CA GLN A 176 18.09 11.22 14.02
C GLN A 176 18.32 12.73 14.03
N LEU A 177 17.34 13.54 13.65
CA LEU A 177 17.63 14.96 13.52
C LEU A 177 17.97 15.59 14.85
N PRO A 178 19.00 16.45 14.86
CA PRO A 178 19.46 17.03 16.11
C PRO A 178 18.55 18.12 16.65
N GLU A 179 17.68 18.69 15.81
CA GLU A 179 16.87 19.83 16.26
C GLU A 179 15.43 19.61 15.81
N ARG A 180 14.51 19.98 16.69
CA ARG A 180 13.10 19.83 16.43
C ARG A 180 12.69 20.68 15.23
N TYR A 181 13.23 21.89 15.11
CA TYR A 181 12.90 22.73 13.96
C TYR A 181 13.26 22.02 12.64
N MSE A 182 14.27 21.17 12.67
CA MSE A 182 14.65 20.46 11.45
C MSE A 182 13.63 19.36 11.10
O MSE A 182 13.24 19.20 9.95
CB MSE A 182 16.07 19.92 11.57
CG MSE A 182 17.14 21.07 11.73
SE MSE A 182 18.89 20.18 11.71
CE MSE A 182 20.07 21.81 11.67
H MSE A 182 14.75 20.98 13.36
HA MSE A 182 14.66 21.12 10.72
HB2 MSE A 182 16.12 19.34 12.36
HB3 MSE A 182 16.27 19.40 10.77
HG2 MSE A 182 17.09 21.67 10.97
HG3 MSE A 182 17.03 21.53 12.56
HE1 MSE A 182 20.99 21.53 11.67
HE2 MSE A 182 19.88 22.32 10.88
HE3 MSE A 182 19.90 22.35 12.45
N MSE A 183 13.18 18.62 12.10
CA MSE A 183 12.09 17.64 11.91
C MSE A 183 10.82 18.30 11.37
O MSE A 183 10.18 17.76 10.47
CB MSE A 183 11.76 16.94 13.20
CG MSE A 183 12.97 16.19 13.77
SE MSE A 183 12.47 15.65 15.60
CE MSE A 183 14.18 14.89 16.27
H MSE A 183 13.48 18.65 12.91
HA MSE A 183 12.39 16.96 11.27
HB2 MSE A 183 11.48 17.58 13.86
HB3 MSE A 183 11.06 16.28 13.04
HG2 MSE A 183 13.16 15.41 13.23
HG3 MSE A 183 13.74 16.79 13.80
HE1 MSE A 183 14.05 14.59 17.16
HE2 MSE A 183 14.44 14.15 15.71
HE3 MSE A 183 14.84 15.58 16.24
N ASN A 184 10.47 19.48 11.86
CA ASN A 184 9.29 20.17 11.34
C ASN A 184 9.48 20.64 9.89
N SER A 185 10.68 21.11 9.53
CA SER A 185 10.92 21.41 8.10
C SER A 185 10.64 20.22 7.25
N VAL A 186 11.11 19.05 7.68
CA VAL A 186 11.00 17.87 6.85
C VAL A 186 9.52 17.45 6.80
N LEU A 187 8.84 17.52 7.94
CA LEU A 187 7.46 17.04 8.05
C LEU A 187 6.46 17.92 7.28
N GLU A 188 6.80 19.18 7.05
CA GLU A 188 5.95 20.04 6.22
C GLU A 188 5.59 19.33 4.95
N ASN A 189 6.49 18.46 4.47
CA ASN A 189 6.25 17.75 3.22
C ASN A 189 5.50 16.39 3.32
N PHE A 190 5.07 15.98 4.50
CA PHE A 190 4.49 14.63 4.59
C PHE A 190 3.07 14.76 5.12
N THR A 191 2.14 14.09 4.44
CA THR A 191 0.75 14.16 4.82
C THR A 191 0.09 12.80 4.64
N ILE A 192 -1.06 12.60 5.28
CA ILE A 192 -1.79 11.36 5.09
C ILE A 192 -3.21 11.68 4.72
N LEU A 193 -3.81 10.91 3.80
CA LEU A 193 -5.20 11.22 3.43
C LEU A 193 -5.96 9.93 3.67
N GLN A 194 -6.92 9.94 4.59
CA GLN A 194 -7.71 8.70 4.80
C GLN A 194 -9.08 8.88 4.26
N VAL A 195 -9.56 7.87 3.54
CA VAL A 195 -10.87 7.90 2.90
C VAL A 195 -11.63 6.65 3.33
N VAL A 196 -12.79 6.84 3.92
CA VAL A 196 -13.57 5.73 4.41
C VAL A 196 -14.89 5.81 3.67
N THR A 197 -15.18 4.74 2.93
CA THR A 197 -16.34 4.62 2.08
C THR A 197 -17.19 3.43 2.53
N ASN A 198 -18.48 3.51 2.27
CA ASN A 198 -19.36 2.34 2.39
C ASN A 198 -19.01 1.35 1.32
N ARG A 199 -18.41 0.25 1.73
CA ARG A 199 -17.92 -0.71 0.74
C ARG A 199 -18.99 -1.19 -0.24
N ASP A 200 -20.24 -1.37 0.20
CA ASP A 200 -21.27 -1.91 -0.70
C ASP A 200 -21.86 -0.85 -1.61
N THR A 201 -21.85 0.41 -1.18
CA THR A 201 -22.48 1.44 -2.01
C THR A 201 -21.43 2.35 -2.63
N GLN A 202 -20.18 2.21 -2.18
CA GLN A 202 -19.09 3.13 -2.53
C GLN A 202 -19.34 4.61 -2.19
N GLU A 203 -20.35 4.88 -1.37
CA GLU A 203 -20.59 6.24 -0.89
C GLU A 203 -19.45 6.66 0.05
N LEU A 204 -18.93 7.87 -0.13
CA LEU A 204 -17.89 8.36 0.80
C LEU A 204 -18.55 8.63 2.14
N LEU A 205 -17.96 8.12 3.21
CA LEU A 205 -18.50 8.41 4.55
C LEU A 205 -17.62 9.44 5.29
N LEU A 206 -16.29 9.32 5.15
CA LEU A 206 -15.42 10.23 5.88
C LEU A 206 -14.18 10.42 5.07
N CYS A 207 -13.66 11.64 5.00
CA CYS A 207 -12.36 11.82 4.36
C CYS A 207 -11.54 12.72 5.27
N THR A 208 -10.34 12.30 5.68
CA THR A 208 -9.61 13.05 6.70
C THR A 208 -8.18 13.31 6.21
N ALA A 209 -7.75 14.57 6.23
CA ALA A 209 -6.39 14.98 5.86
C ALA A 209 -5.58 15.12 7.14
N TYR A 210 -4.38 14.56 7.15
CA TYR A 210 -3.57 14.63 8.36
C TYR A 210 -2.30 15.40 8.06
N VAL A 211 -1.96 16.35 8.90
CA VAL A 211 -0.67 17.05 8.74
C VAL A 211 0.03 17.02 10.09
N PHE A 212 1.33 17.29 10.11
CA PHE A 212 2.18 16.84 11.21
C PHE A 212 3.30 17.81 11.53
N GLU A 213 3.50 18.04 12.81
CA GLU A 213 4.68 18.68 13.36
C GLU A 213 5.09 17.79 14.51
N VAL A 214 6.25 18.05 15.09
CA VAL A 214 6.73 17.27 16.20
C VAL A 214 6.59 18.16 17.40
N SER A 215 6.12 17.62 18.51
CA SER A 215 6.04 18.48 19.70
C SER A 215 7.37 18.53 20.41
N THR A 216 7.57 19.59 21.20
CA THR A 216 8.78 19.70 22.02
C THR A 216 8.84 18.57 23.02
N SER A 217 10.04 18.33 23.55
CA SER A 217 10.29 17.21 24.45
C SER A 217 9.54 17.32 25.79
N GLU A 218 8.91 18.47 26.05
CA GLU A 218 8.21 18.67 27.32
C GLU A 218 6.71 18.68 27.14
N ARG A 219 6.23 19.39 26.11
CA ARG A 219 4.81 19.38 25.77
C ARG A 219 4.41 18.04 25.15
N GLY A 220 3.40 17.40 25.70
CA GLY A 220 2.98 16.15 25.11
C GLY A 220 2.49 16.29 23.68
N ALA A 221 2.11 15.15 23.10
CA ALA A 221 1.30 15.10 21.88
C ALA A 221 0.01 15.96 21.98
N GLN A 222 -0.48 16.43 20.84
CA GLN A 222 -1.71 17.21 20.85
C GLN A 222 -2.31 17.06 19.47
N HIS A 223 -3.60 17.29 19.33
CA HIS A 223 -4.13 17.39 18.01
C HIS A 223 -5.22 18.43 17.99
N HIS A 224 -5.54 18.91 16.80
CA HIS A 224 -6.73 19.75 16.65
C HIS A 224 -7.47 19.33 15.44
N ILE A 225 -8.78 19.28 15.55
CA ILE A 225 -9.55 18.80 14.42
C ILE A 225 -10.27 19.97 13.81
N TYR A 226 -10.27 20.03 12.48
CA TYR A 226 -10.90 21.13 11.77
C TYR A 226 -11.89 20.64 10.75
N ARG A 227 -12.96 21.37 10.52
CA ARG A 227 -13.83 21.07 9.38
C ARG A 227 -13.14 21.65 8.14
N LEU A 228 -13.12 20.91 7.03
CA LEU A 228 -12.63 21.47 5.78
C LEU A 228 -13.79 22.12 5.04
N VAL A 229 -13.66 23.40 4.69
CA VAL A 229 -14.70 24.08 3.91
C VAL A 229 -14.13 24.75 2.68
N ARG A 230 -15.03 25.42 1.97
CA ARG A 230 -14.65 26.21 0.80
C ARG A 230 -15.66 27.31 0.50
N ARG B 5 8.75 -26.26 -6.73
CA ARG B 5 8.54 -26.63 -8.14
C ARG B 5 7.86 -25.53 -8.94
N GLY B 6 7.19 -24.60 -8.27
CA GLY B 6 6.51 -23.48 -8.91
C GLY B 6 6.44 -22.31 -7.94
N LEU B 7 5.81 -21.21 -8.31
CA LEU B 7 5.79 -20.05 -7.41
C LEU B 7 4.71 -20.23 -6.34
N GLY B 8 5.06 -20.84 -5.22
CA GLY B 8 4.13 -21.06 -4.15
C GLY B 8 4.73 -21.95 -3.09
N THR B 9 4.05 -22.08 -1.96
CA THR B 9 4.40 -23.10 -0.99
C THR B 9 3.17 -23.95 -0.73
N ALA B 10 3.27 -24.95 0.14
CA ALA B 10 2.10 -25.77 0.49
C ALA B 10 0.97 -24.91 1.06
N ARG B 11 1.31 -23.75 1.64
CA ARG B 11 0.31 -22.91 2.34
C ARG B 11 -0.35 -21.89 1.44
N LEU B 12 0.33 -21.44 0.40
CA LEU B 12 -0.21 -20.41 -0.47
C LEU B 12 0.44 -20.53 -1.83
N GLN B 13 -0.37 -20.69 -2.87
CA GLN B 13 0.14 -20.80 -4.23
C GLN B 13 -0.32 -19.64 -5.03
N LEU B 14 0.59 -19.05 -5.80
CA LEU B 14 0.18 -18.09 -6.80
C LEU B 14 -0.54 -18.84 -7.91
N VAL B 15 -1.70 -18.38 -8.36
CA VAL B 15 -2.38 -19.12 -9.41
C VAL B 15 -2.18 -18.32 -10.64
N GLU B 16 -2.23 -17.01 -10.51
CA GLU B 16 -2.16 -16.20 -11.66
C GLU B 16 -1.85 -14.77 -11.32
N PHE B 17 -0.99 -14.18 -12.14
CA PHE B 17 -0.60 -12.80 -11.99
C PHE B 17 -0.47 -12.19 -13.39
N SER B 18 -0.96 -10.98 -13.59
CA SER B 18 -0.78 -10.43 -14.88
C SER B 18 -0.86 -8.93 -14.73
N ALA B 19 -0.19 -8.16 -15.60
CA ALA B 19 -0.33 -6.69 -15.65
C ALA B 19 -0.68 -6.34 -17.03
N PHE B 20 -1.59 -5.40 -17.28
CA PHE B 20 -2.14 -5.37 -18.61
C PHE B 20 -2.73 -4.06 -18.90
N VAL B 21 -2.95 -3.81 -20.17
CA VAL B 21 -3.71 -2.64 -20.56
C VAL B 21 -4.80 -3.02 -21.56
N GLU B 22 -6.01 -2.48 -21.34
CA GLU B 22 -7.10 -2.64 -22.29
C GLU B 22 -7.30 -1.32 -22.99
N PRO B 23 -7.21 -1.30 -24.33
CA PRO B 23 -7.32 -0.01 -25.01
C PRO B 23 -8.71 0.55 -24.81
N PRO B 24 -8.88 1.87 -24.89
CA PRO B 24 -10.20 2.50 -24.69
C PRO B 24 -11.34 1.80 -25.45
N ASP B 25 -11.05 1.26 -26.62
CA ASP B 25 -12.09 0.68 -27.46
C ASP B 25 -12.27 -0.82 -27.22
N ALA B 26 -11.81 -1.30 -26.07
CA ALA B 26 -11.96 -2.71 -25.73
C ALA B 26 -13.43 -3.04 -25.50
N VAL B 27 -14.25 -2.00 -25.28
CA VAL B 27 -15.71 -2.16 -25.11
C VAL B 27 -16.42 -2.45 -26.43
N ASP B 28 -15.77 -2.16 -27.54
CA ASP B 28 -16.31 -2.50 -28.85
C ASP B 28 -15.93 -3.93 -29.22
N SER B 29 -14.64 -4.21 -29.22
CA SER B 29 -14.17 -5.59 -29.35
C SER B 29 -13.10 -5.79 -28.29
N TYR B 30 -13.30 -6.72 -27.37
CA TYR B 30 -12.40 -6.83 -26.24
C TYR B 30 -10.99 -7.14 -26.68
N GLN B 31 -10.01 -6.48 -26.06
CA GLN B 31 -8.63 -6.94 -26.17
C GLN B 31 -7.89 -6.44 -24.97
N ARG B 32 -6.81 -7.11 -24.61
CA ARG B 32 -5.91 -6.61 -23.60
C ARG B 32 -4.52 -6.99 -24.03
N HIS B 33 -3.60 -6.08 -23.72
CA HIS B 33 -2.20 -6.32 -23.92
C HIS B 33 -1.57 -6.77 -22.60
N LEU B 34 -0.83 -7.86 -22.64
CA LEU B 34 -0.17 -8.29 -21.40
C LEU B 34 1.31 -7.82 -21.30
N PHE B 35 1.61 -6.96 -20.33
CA PHE B 35 3.02 -6.58 -20.08
C PHE B 35 3.80 -7.77 -19.55
N VAL B 36 3.28 -8.40 -18.51
CA VAL B 36 3.86 -9.60 -17.90
C VAL B 36 2.70 -10.49 -17.48
N HIS B 37 2.96 -11.77 -17.28
CA HIS B 37 1.90 -12.74 -17.07
C HIS B 37 2.45 -14.04 -16.54
N ILE B 38 2.05 -14.44 -15.33
CA ILE B 38 2.34 -15.81 -14.86
C ILE B 38 1.04 -16.62 -14.70
N SER B 39 0.97 -17.80 -15.29
CA SER B 39 -0.21 -18.67 -15.11
C SER B 39 0.24 -20.03 -14.56
N GLN B 40 -0.28 -20.48 -13.43
CA GLN B 40 0.28 -21.73 -12.86
C GLN B 40 -0.73 -22.86 -12.65
N ALA B 47 7.30 -30.78 -12.87
CA ALA B 47 7.82 -31.88 -12.06
C ALA B 47 9.24 -31.60 -11.53
N PRO B 48 10.06 -30.85 -12.29
CA PRO B 48 11.40 -30.58 -11.74
C PRO B 48 11.37 -29.45 -10.72
N PRO B 49 12.45 -29.33 -9.93
CA PRO B 49 12.61 -28.17 -9.05
C PRO B 49 13.13 -26.95 -9.80
N LEU B 50 12.68 -25.78 -9.36
CA LEU B 50 13.19 -24.52 -9.89
C LEU B 50 14.65 -24.38 -9.51
N GLU B 51 15.42 -23.64 -10.31
CA GLU B 51 16.79 -23.33 -10.00
C GLU B 51 16.87 -22.32 -8.87
N SER B 52 18.09 -21.97 -8.50
CA SER B 52 18.30 -21.14 -7.34
C SER B 52 19.05 -19.89 -7.70
N VAL B 53 18.81 -18.84 -6.92
CA VAL B 53 19.69 -17.69 -6.94
C VAL B 53 19.98 -17.33 -5.49
N ASP B 54 21.23 -16.98 -5.18
CA ASP B 54 21.55 -16.63 -3.82
C ASP B 54 21.03 -15.25 -3.55
N VAL B 55 20.28 -15.09 -2.47
CA VAL B 55 19.65 -13.81 -2.17
C VAL B 55 20.66 -12.69 -1.91
N ARG B 56 21.83 -13.03 -1.40
CA ARG B 56 22.85 -12.01 -1.16
C ARG B 56 23.13 -11.23 -2.45
N GLN B 57 23.23 -11.93 -3.57
CA GLN B 57 23.44 -11.31 -4.86
C GLN B 57 22.40 -10.28 -5.31
N ILE B 58 21.32 -10.08 -4.57
CA ILE B 58 20.32 -9.10 -5.00
C ILE B 58 19.86 -8.15 -3.89
N TYR B 59 20.53 -8.22 -2.73
CA TYR B 59 20.18 -7.40 -1.56
C TYR B 59 20.12 -5.92 -1.90
N ASP B 60 21.05 -5.52 -2.76
CA ASP B 60 21.28 -4.10 -3.05
C ASP B 60 20.21 -3.52 -3.98
N LYS B 61 19.28 -4.33 -4.46
CA LYS B 61 18.36 -3.84 -5.46
C LYS B 61 17.05 -3.54 -4.80
N PHE B 62 16.97 -3.81 -3.50
CA PHE B 62 15.73 -3.56 -2.77
C PHE B 62 16.09 -2.73 -1.56
N PRO B 63 15.07 -2.26 -0.81
CA PRO B 63 15.33 -1.28 0.22
C PRO B 63 16.04 -1.90 1.41
N GLU B 64 16.42 -1.04 2.37
CA GLU B 64 16.73 -1.47 3.73
C GLU B 64 16.13 -0.41 4.65
N LYS B 65 16.16 -0.62 5.96
CA LYS B 65 16.38 -1.93 6.52
C LYS B 65 15.00 -2.53 6.65
N LYS B 66 14.16 -1.91 7.47
CA LYS B 66 12.86 -2.49 7.80
C LYS B 66 12.07 -2.84 6.53
N GLY B 67 11.72 -4.11 6.38
CA GLY B 67 10.90 -4.49 5.23
C GLY B 67 11.71 -4.72 3.98
N GLY B 68 13.02 -4.59 4.13
CA GLY B 68 13.91 -4.89 3.03
C GLY B 68 14.11 -6.39 2.91
N LEU B 69 14.52 -6.80 1.73
CA LEU B 69 14.78 -8.18 1.42
C LEU B 69 15.61 -8.88 2.49
N ARG B 70 16.66 -8.23 3.01
CA ARG B 70 17.56 -8.94 3.93
C ARG B 70 16.91 -9.28 5.23
N GLU B 71 16.19 -8.31 5.80
CA GLU B 71 15.56 -8.52 7.07
C GLU B 71 14.34 -9.43 6.94
N LEU B 72 13.62 -9.32 5.84
CA LEU B 72 12.53 -10.29 5.57
C LEU B 72 13.10 -11.69 5.55
N TYR B 73 14.21 -11.89 4.84
CA TYR B 73 14.77 -13.22 4.73
C TYR B 73 15.21 -13.76 6.08
N ASP B 74 15.89 -12.93 6.87
CA ASP B 74 16.19 -13.29 8.25
C ASP B 74 14.93 -13.68 9.05
N ARG B 75 13.85 -12.96 8.86
CA ARG B 75 12.63 -13.24 9.59
C ARG B 75 12.03 -14.59 9.18
N GLY B 76 12.17 -14.97 7.91
CA GLY B 76 11.75 -16.27 7.42
C GLY B 76 10.26 -16.38 7.13
N PRO B 77 9.80 -17.56 6.72
CA PRO B 77 10.65 -18.73 6.48
C PRO B 77 11.32 -18.61 5.12
N PRO B 78 12.55 -19.10 4.98
CA PRO B 78 13.36 -19.09 3.76
C PRO B 78 12.73 -19.78 2.57
N HIS B 79 11.97 -20.85 2.76
CA HIS B 79 11.43 -21.58 1.61
C HIS B 79 10.34 -20.78 0.93
N ALA B 80 9.96 -19.64 1.51
CA ALA B 80 8.87 -18.85 0.93
C ALA B 80 9.35 -17.75 0.01
N PHE B 81 10.67 -17.67 -0.25
CA PHE B 81 11.24 -16.58 -1.08
C PHE B 81 11.57 -16.99 -2.54
N PHE B 82 11.16 -16.15 -3.50
CA PHE B 82 11.31 -16.47 -4.92
C PHE B 82 11.76 -15.25 -5.68
N LEU B 83 12.48 -15.46 -6.76
CA LEU B 83 12.83 -14.38 -7.66
C LEU B 83 12.19 -14.66 -9.01
N VAL B 84 11.48 -13.68 -9.55
CA VAL B 84 10.92 -13.82 -10.86
C VAL B 84 11.62 -12.85 -11.80
N LYS B 85 12.16 -13.36 -12.91
CA LYS B 85 12.68 -12.47 -13.95
C LYS B 85 11.67 -12.42 -15.11
N PHE B 86 11.22 -11.21 -15.42
CA PHE B 86 10.31 -11.00 -16.54
C PHE B 86 11.04 -10.44 -17.75
N TRP B 87 10.70 -10.94 -18.92
CA TRP B 87 10.84 -10.16 -20.14
C TRP B 87 9.51 -9.53 -20.44
N ALA B 88 9.44 -8.25 -20.20
CA ALA B 88 8.21 -7.45 -20.34
C ALA B 88 7.92 -7.07 -21.78
N ASP B 89 6.66 -7.20 -22.18
CA ASP B 89 6.26 -6.91 -23.54
C ASP B 89 5.77 -5.49 -23.62
N LEU B 90 6.61 -4.61 -24.13
CA LEU B 90 6.25 -3.18 -24.18
C LEU B 90 5.82 -2.76 -25.58
N ASN B 91 5.29 -3.70 -26.34
CA ASN B 91 4.91 -3.42 -27.71
C ASN B 91 3.39 -3.39 -27.89
N TRP B 92 2.76 -2.27 -27.54
CA TRP B 92 1.29 -2.20 -27.63
C TRP B 92 0.84 -0.88 -28.25
N GLY B 109 -6.83 4.24 -21.97
CA GLY B 109 -6.82 2.81 -21.66
C GLY B 109 -6.90 2.54 -20.16
N PHE B 110 -7.22 1.30 -19.79
CA PHE B 110 -7.22 0.96 -18.37
C PHE B 110 -6.03 0.06 -18.16
N TYR B 111 -5.11 0.51 -17.30
CA TYR B 111 -3.92 -0.23 -16.91
C TYR B 111 -4.21 -0.96 -15.60
N GLY B 112 -4.11 -2.29 -15.59
CA GLY B 112 -4.44 -2.97 -14.35
C GLY B 112 -3.53 -4.11 -14.00
N VAL B 113 -3.69 -4.60 -12.79
CA VAL B 113 -2.90 -5.69 -12.26
C VAL B 113 -3.91 -6.68 -11.61
N SER B 114 -3.82 -7.97 -11.94
CA SER B 114 -4.66 -9.02 -11.31
C SER B 114 -3.81 -10.12 -10.70
N SER B 115 -4.15 -10.53 -9.50
CA SER B 115 -3.47 -11.62 -8.81
C SER B 115 -4.49 -12.59 -8.26
N GLN B 116 -4.14 -13.86 -8.17
CA GLN B 116 -5.01 -14.76 -7.46
C GLN B 116 -4.15 -15.83 -6.84
N TYR B 117 -4.48 -16.17 -5.60
CA TYR B 117 -3.75 -17.14 -4.82
C TYR B 117 -4.72 -18.22 -4.36
N GLU B 118 -4.19 -19.37 -4.07
CA GLU B 118 -4.99 -20.32 -3.34
C GLU B 118 -4.30 -21.01 -2.16
N SER B 119 -5.12 -21.55 -1.27
CA SER B 119 -4.62 -22.18 -0.06
C SER B 119 -5.66 -23.20 0.42
N LEU B 120 -5.20 -24.21 1.17
CA LEU B 120 -6.09 -25.14 1.85
C LEU B 120 -6.64 -24.47 3.09
N GLU B 121 -5.95 -23.45 3.58
CA GLU B 121 -6.47 -22.77 4.77
C GLU B 121 -7.16 -21.45 4.46
N HIS B 122 -8.10 -21.13 5.33
CA HIS B 122 -8.89 -19.93 5.26
C HIS B 122 -8.18 -18.87 6.07
N MSE B 123 -7.86 -17.76 5.43
CA MSE B 123 -7.13 -16.66 6.07
C MSE B 123 -7.61 -15.35 5.49
O MSE B 123 -8.41 -15.32 4.55
CB MSE B 123 -5.64 -16.83 5.77
CG MSE B 123 -5.16 -18.28 5.97
SE MSE B 123 -3.20 -18.41 5.63
CE MSE B 123 -3.12 -18.77 3.72
H MSE B 123 -8.07 -17.60 4.61
HA MSE B 123 -7.26 -16.68 7.04
HB2 MSE B 123 -5.47 -16.59 4.84
HB3 MSE B 123 -5.13 -16.26 6.36
HG2 MSE B 123 -5.34 -18.55 6.89
HG3 MSE B 123 -5.62 -18.86 5.36
HE1 MSE B 123 -2.20 -18.85 3.45
HE2 MSE B 123 -3.59 -19.59 3.54
HE3 MSE B 123 -3.54 -18.04 3.25
N THR B 124 -7.15 -14.27 6.08
CA THR B 124 -7.20 -12.95 5.43
C THR B 124 -5.76 -12.63 5.14
N LEU B 125 -5.43 -12.28 3.89
CA LEU B 125 -4.05 -11.96 3.47
C LEU B 125 -3.85 -10.48 3.41
N THR B 126 -2.64 -10.04 3.74
CA THR B 126 -2.17 -8.71 3.34
C THR B 126 -1.19 -8.89 2.18
N CYS B 127 -1.47 -8.22 1.06
CA CYS B 127 -0.56 -8.18 -0.04
C CYS B 127 0.03 -6.82 -0.21
N SER B 128 1.35 -6.77 -0.17
CA SER B 128 2.07 -5.50 -0.31
C SER B 128 2.96 -5.59 -1.54
N SER B 129 2.94 -4.56 -2.37
CA SER B 129 3.84 -4.46 -3.53
C SER B 129 4.61 -3.19 -3.41
N LYS B 130 5.94 -3.29 -3.40
CA LYS B 130 6.79 -2.15 -3.22
C LYS B 130 7.58 -1.99 -4.51
N VAL B 131 7.42 -0.84 -5.18
CA VAL B 131 8.09 -0.55 -6.42
C VAL B 131 9.35 0.25 -6.01
N CYS B 132 10.52 -0.19 -6.43
CA CYS B 132 11.75 0.48 -6.00
C CYS B 132 12.56 0.87 -7.19
N SER B 133 13.00 2.13 -7.24
CA SER B 133 13.91 2.57 -8.26
C SER B 133 15.28 2.90 -7.61
N PHE B 134 16.34 2.34 -8.20
CA PHE B 134 17.65 2.18 -7.56
C PHE B 134 17.52 1.81 -6.08
N GLY B 135 17.00 0.62 -5.78
CA GLY B 135 16.86 0.19 -4.39
C GLY B 135 16.08 1.10 -3.44
N LYS B 136 15.42 2.14 -3.96
CA LYS B 136 14.66 3.08 -3.14
C LYS B 136 13.17 3.09 -3.45
N GLN B 137 12.34 3.13 -2.42
CA GLN B 137 10.91 2.89 -2.57
C GLN B 137 10.16 4.10 -3.12
N VAL B 138 9.50 3.93 -4.25
CA VAL B 138 8.85 5.08 -4.85
C VAL B 138 7.36 4.98 -4.71
N VAL B 139 6.84 3.75 -4.71
CA VAL B 139 5.47 3.58 -4.38
C VAL B 139 5.21 2.19 -3.76
N GLU B 140 4.28 2.14 -2.83
CA GLU B 140 3.96 0.90 -2.16
C GLU B 140 2.46 0.78 -2.10
N LYS B 141 1.94 -0.34 -2.59
CA LYS B 141 0.47 -0.57 -2.51
C LYS B 141 0.17 -1.80 -1.65
N VAL B 142 -0.65 -1.63 -0.62
CA VAL B 142 -1.02 -2.68 0.30
C VAL B 142 -2.54 -2.94 0.30
N GLU B 143 -2.95 -4.20 0.09
CA GLU B 143 -4.37 -4.60 -0.01
C GLU B 143 -4.62 -5.77 0.94
N THR B 144 -5.77 -5.88 1.55
CA THR B 144 -6.05 -7.14 2.23
C THR B 144 -7.16 -7.86 1.48
N GLU B 145 -7.12 -9.18 1.47
CA GLU B 145 -8.14 -9.96 0.80
C GLU B 145 -8.47 -11.18 1.65
N ARG B 146 -9.76 -11.37 1.91
CA ARG B 146 -10.24 -12.45 2.74
C ARG B 146 -10.55 -13.62 1.80
N ALA B 147 -10.29 -14.83 2.25
CA ALA B 147 -10.56 -16.05 1.48
C ALA B 147 -11.99 -16.12 1.00
N GLN B 148 -12.19 -16.73 -0.16
CA GLN B 148 -13.53 -17.09 -0.63
C GLN B 148 -13.46 -18.54 -1.05
N LEU B 149 -14.61 -19.15 -1.23
CA LEU B 149 -14.69 -20.57 -1.48
C LEU B 149 -14.45 -20.86 -2.95
N GLU B 150 -13.79 -21.98 -3.16
CA GLU B 150 -13.54 -22.49 -4.48
C GLU B 150 -13.76 -23.96 -4.30
N ASP B 151 -13.62 -24.71 -5.39
CA ASP B 151 -13.84 -26.15 -5.39
C ASP B 151 -12.82 -26.96 -4.55
N GLY B 152 -13.13 -27.21 -3.29
CA GLY B 152 -12.19 -27.89 -2.41
C GLY B 152 -10.94 -27.09 -2.04
N ARG B 153 -11.01 -25.75 -2.11
CA ARG B 153 -9.93 -24.91 -1.60
C ARG B 153 -10.44 -23.49 -1.43
N PHE B 154 -9.59 -22.62 -0.88
CA PHE B 154 -9.89 -21.21 -0.70
C PHE B 154 -9.15 -20.41 -1.75
N VAL B 155 -9.79 -19.37 -2.26
CA VAL B 155 -9.16 -18.50 -3.25
C VAL B 155 -9.13 -17.09 -2.75
N TYR B 156 -8.13 -16.36 -3.22
CA TYR B 156 -7.92 -14.99 -2.87
C TYR B 156 -7.82 -14.22 -4.17
N ARG B 157 -8.81 -13.38 -4.46
CA ARG B 157 -8.91 -12.71 -5.73
C ARG B 157 -8.63 -11.21 -5.56
N LEU B 158 -7.58 -10.74 -6.23
CA LEU B 158 -7.26 -9.31 -6.24
C LEU B 158 -7.24 -8.94 -7.68
N LEU B 159 -8.42 -8.93 -8.30
CA LEU B 159 -8.52 -8.75 -9.74
C LEU B 159 -8.72 -7.29 -10.15
N ARG B 160 -8.10 -6.91 -11.27
CA ARG B 160 -8.28 -5.61 -11.92
C ARG B 160 -7.96 -4.44 -11.00
N SER B 161 -6.97 -4.58 -10.12
CA SER B 161 -6.48 -3.41 -9.39
C SER B 161 -5.96 -2.39 -10.40
N PRO B 162 -6.37 -1.12 -10.25
CA PRO B 162 -5.82 -0.07 -11.13
C PRO B 162 -4.29 0.02 -10.96
N MSE B 163 -3.57 0.12 -12.06
CA MSE B 163 -2.12 0.27 -11.91
C MSE B 163 -1.84 1.69 -11.42
O MSE B 163 -2.41 2.68 -11.91
CB MSE B 163 -1.43 -0.01 -13.24
CG MSE B 163 0.06 0.03 -13.21
SE MSE B 163 0.74 -0.41 -15.02
CE MSE B 163 0.18 -2.31 -15.30
H MSE B 163 -3.86 0.12 -12.87
HA MSE B 163 -1.79 -0.38 -11.25
HB2 MSE B 163 -1.70 -0.88 -13.54
HB3 MSE B 163 -1.73 0.66 -13.88
HG2 MSE B 163 0.36 0.92 -12.98
HG3 MSE B 163 0.39 -0.63 -12.59
HE1 MSE B 163 0.48 -2.60 -16.16
HE2 MSE B 163 0.58 -2.86 -14.62
HE3 MSE B 163 -0.78 -2.36 -15.24
N CYS B 164 -0.97 1.81 -10.43
CA CYS B 164 -0.69 3.13 -9.91
C CYS B 164 -0.04 3.98 -11.00
N GLU B 165 -0.21 5.28 -10.84
CA GLU B 165 0.12 6.20 -11.88
C GLU B 165 1.65 6.23 -12.10
N TYR B 166 2.44 5.97 -11.05
CA TYR B 166 3.89 5.92 -11.22
C TYR B 166 4.21 4.95 -12.34
N LEU B 167 3.59 3.78 -12.27
CA LEU B 167 3.98 2.71 -13.18
C LEU B 167 3.44 2.99 -14.57
N VAL B 168 2.20 3.50 -14.68
CA VAL B 168 1.68 3.85 -16.00
C VAL B 168 2.62 4.90 -16.67
N ASN B 169 3.00 5.94 -15.94
CA ASN B 169 3.85 6.97 -16.49
C ASN B 169 5.19 6.41 -16.85
N PHE B 170 5.71 5.56 -15.98
CA PHE B 170 7.02 4.98 -16.23
C PHE B 170 6.98 4.16 -17.53
N LEU B 171 5.90 3.41 -17.79
CA LEU B 171 5.83 2.55 -18.99
C LEU B 171 5.78 3.38 -20.26
N HIS B 172 5.04 4.47 -20.21
CA HIS B 172 4.97 5.35 -21.35
C HIS B 172 6.29 6.03 -21.65
N LYS B 173 7.07 6.28 -20.61
CA LYS B 173 8.39 6.89 -20.83
C LYS B 173 9.34 5.87 -21.40
N LEU B 174 9.35 4.68 -20.82
CA LEU B 174 10.20 3.59 -21.26
C LEU B 174 9.86 3.29 -22.72
N ARG B 175 8.59 3.36 -23.03
CA ARG B 175 8.06 2.96 -24.35
C ARG B 175 8.77 3.75 -25.43
N GLN B 176 9.16 4.97 -25.10
CA GLN B 176 9.67 5.91 -26.09
C GLN B 176 11.20 5.98 -26.21
N LEU B 177 11.94 5.22 -25.41
CA LEU B 177 13.38 5.15 -25.60
C LEU B 177 13.73 4.56 -26.97
N PRO B 178 14.74 5.11 -27.65
CA PRO B 178 15.04 4.73 -29.03
C PRO B 178 15.67 3.35 -29.20
N GLU B 179 16.08 2.69 -28.14
CA GLU B 179 16.91 1.50 -28.22
C GLU B 179 16.57 0.63 -27.05
N ARG B 180 16.43 -0.66 -27.33
CA ARG B 180 16.08 -1.65 -26.34
C ARG B 180 17.16 -1.72 -25.28
N TYR B 181 18.42 -1.63 -25.70
CA TYR B 181 19.46 -1.72 -24.68
C TYR B 181 19.40 -0.54 -23.72
N MSE B 182 18.88 0.61 -24.14
CA MSE B 182 18.68 1.73 -23.18
C MSE B 182 17.57 1.41 -22.17
O MSE B 182 17.67 1.66 -20.94
CB MSE B 182 18.34 3.05 -23.87
CG MSE B 182 19.63 3.61 -24.66
SE MSE B 182 19.23 5.27 -25.59
CE MSE B 182 21.08 5.48 -26.48
H MSE B 182 18.63 0.78 -24.95
HA MSE B 182 19.52 1.86 -22.68
HB2 MSE B 182 17.63 2.89 -24.51
HB3 MSE B 182 18.06 3.70 -23.21
HG2 MSE B 182 20.34 3.78 -24.02
HG3 MSE B 182 19.91 2.95 -25.31
HE1 MSE B 182 21.08 6.29 -27.01
HE2 MSE B 182 21.75 5.53 -25.79
HE3 MSE B 182 21.24 4.73 -27.04
N MSE B 183 16.47 0.86 -22.69
CA MSE B 183 15.37 0.51 -21.78
C MSE B 183 15.91 -0.49 -20.80
O MSE B 183 15.62 -0.40 -19.66
CB MSE B 183 14.24 -0.20 -22.60
CG MSE B 183 13.59 0.75 -23.59
SE MSE B 183 12.32 -0.29 -24.69
CE MSE B 183 11.77 1.06 -25.99
H MSE B 183 16.34 0.68 -23.52
HA MSE B 183 15.02 1.30 -21.34
HB2 MSE B 183 14.62 -0.94 -23.09
HB3 MSE B 183 13.56 -0.51 -21.98
HG2 MSE B 183 13.10 1.43 -23.12
HG3 MSE B 183 14.27 1.14 -24.17
HE1 MSE B 183 11.15 0.66 -26.60
HE2 MSE B 183 11.37 1.79 -25.53
HE3 MSE B 183 12.55 1.36 -26.48
N ASN B 184 16.67 -1.45 -21.28
CA ASN B 184 17.31 -2.41 -20.41
C ASN B 184 18.27 -1.80 -19.39
N SER B 185 19.00 -0.76 -19.75
CA SER B 185 19.90 -0.15 -18.76
C SER B 185 19.04 0.47 -17.71
N VAL B 186 17.98 1.15 -18.12
CA VAL B 186 17.11 1.79 -17.15
C VAL B 186 16.50 0.73 -16.18
N LEU B 187 16.01 -0.38 -16.73
CA LEU B 187 15.33 -1.40 -15.88
C LEU B 187 16.27 -2.11 -14.92
N GLU B 188 17.57 -2.03 -15.12
CA GLU B 188 18.48 -2.66 -14.16
C GLU B 188 18.26 -2.08 -12.78
N ASN B 189 17.76 -0.84 -12.74
CA ASN B 189 17.60 -0.11 -11.49
C ASN B 189 16.17 -0.11 -10.99
N PHE B 190 15.35 -1.02 -11.51
CA PHE B 190 13.93 -0.99 -11.21
C PHE B 190 13.48 -2.36 -10.81
N THR B 191 12.90 -2.44 -9.62
CA THR B 191 12.52 -3.74 -9.08
C THR B 191 11.19 -3.62 -8.31
N ILE B 192 10.58 -4.77 -8.08
CA ILE B 192 9.33 -4.82 -7.33
C ILE B 192 9.43 -5.93 -6.29
N LEU B 193 9.01 -5.66 -5.07
CA LEU B 193 9.10 -6.66 -4.04
C LEU B 193 7.67 -6.92 -3.57
N GLN B 194 7.23 -8.17 -3.65
CA GLN B 194 5.87 -8.51 -3.16
C GLN B 194 5.88 -9.37 -1.93
N VAL B 195 5.20 -8.89 -0.90
CA VAL B 195 5.15 -9.59 0.38
C VAL B 195 3.68 -9.89 0.70
N VAL B 196 3.37 -11.18 0.78
CA VAL B 196 2.03 -11.63 1.21
C VAL B 196 2.13 -12.25 2.60
N THR B 197 1.32 -11.76 3.55
CA THR B 197 1.34 -12.28 4.90
C THR B 197 -0.07 -12.61 5.37
N ASN B 198 -0.14 -13.50 6.34
CA ASN B 198 -1.35 -13.68 7.10
C ASN B 198 -1.67 -12.41 7.89
N ARG B 199 -2.76 -11.72 7.53
CA ARG B 199 -3.11 -10.44 8.14
C ARG B 199 -3.18 -10.55 9.66
N ASP B 200 -3.67 -11.69 10.14
CA ASP B 200 -3.96 -11.83 11.57
C ASP B 200 -2.75 -12.28 12.40
N THR B 201 -1.94 -13.18 11.87
CA THR B 201 -0.79 -13.71 12.61
C THR B 201 0.53 -13.00 12.27
N GLN B 202 0.58 -12.33 11.12
CA GLN B 202 1.79 -11.63 10.67
C GLN B 202 2.85 -12.61 10.18
N GLU B 203 2.48 -13.85 9.96
CA GLU B 203 3.42 -14.78 9.34
C GLU B 203 3.59 -14.39 7.89
N LEU B 204 4.82 -14.47 7.40
CA LEU B 204 5.08 -14.31 5.98
C LEU B 204 4.61 -15.57 5.23
N LEU B 205 3.86 -15.42 4.14
CA LEU B 205 3.45 -16.58 3.35
C LEU B 205 4.24 -16.74 2.07
N LEU B 206 4.59 -15.63 1.43
CA LEU B 206 5.20 -15.66 0.10
C LEU B 206 5.88 -14.32 -0.08
N CYS B 207 7.14 -14.32 -0.49
CA CYS B 207 7.81 -13.08 -0.84
C CYS B 207 8.45 -13.25 -2.21
N THR B 208 8.13 -12.36 -3.12
CA THR B 208 8.63 -12.49 -4.46
C THR B 208 9.32 -11.20 -4.93
N ALA B 209 10.56 -11.33 -5.38
CA ALA B 209 11.31 -10.19 -5.90
C ALA B 209 11.17 -10.29 -7.37
N TYR B 210 10.90 -9.17 -8.03
CA TYR B 210 10.74 -9.18 -9.47
C TYR B 210 11.83 -8.33 -10.07
N VAL B 211 12.49 -8.82 -11.13
CA VAL B 211 13.45 -7.99 -11.87
C VAL B 211 13.05 -8.05 -13.31
N PHE B 212 13.48 -7.07 -14.12
CA PHE B 212 12.91 -6.92 -15.46
C PHE B 212 13.93 -6.65 -16.57
N GLU B 213 13.54 -7.01 -17.77
CA GLU B 213 14.22 -6.63 -19.00
C GLU B 213 13.09 -6.53 -20.01
N VAL B 214 13.27 -5.86 -21.14
CA VAL B 214 12.19 -5.80 -22.13
C VAL B 214 12.35 -6.95 -23.11
N SER B 215 11.23 -7.52 -23.56
CA SER B 215 11.26 -8.55 -24.56
C SER B 215 11.59 -7.90 -25.92
N THR B 216 12.18 -8.63 -26.87
CA THR B 216 12.24 -8.11 -28.25
C THR B 216 10.81 -7.85 -28.73
N SER B 217 10.68 -7.03 -29.76
CA SER B 217 9.36 -6.53 -30.17
C SER B 217 8.44 -7.63 -30.67
N GLU B 218 9.00 -8.67 -31.27
CA GLU B 218 8.15 -9.76 -31.81
C GLU B 218 7.79 -10.87 -30.80
N ARG B 219 8.46 -10.88 -29.64
CA ARG B 219 8.17 -11.87 -28.61
C ARG B 219 7.32 -11.27 -27.49
N GLY B 220 6.30 -12.02 -27.06
CA GLY B 220 5.44 -11.57 -25.96
C GLY B 220 6.16 -11.78 -24.64
N ALA B 221 5.51 -11.50 -23.51
CA ALA B 221 6.16 -11.60 -22.22
C ALA B 221 6.54 -13.03 -21.88
N GLN B 222 7.53 -13.20 -21.03
CA GLN B 222 7.91 -14.56 -20.57
C GLN B 222 8.59 -14.31 -19.24
N HIS B 223 8.79 -15.35 -18.45
CA HIS B 223 9.40 -15.16 -17.14
C HIS B 223 10.20 -16.40 -16.76
N HIS B 224 11.05 -16.26 -15.78
CA HIS B 224 11.76 -17.40 -15.25
C HIS B 224 11.67 -17.26 -13.73
N ILE B 225 11.12 -18.28 -13.06
CA ILE B 225 10.97 -18.27 -11.59
C ILE B 225 12.17 -18.99 -10.91
N TYR B 226 12.77 -18.40 -9.87
CA TYR B 226 13.86 -19.06 -9.14
C TYR B 226 13.53 -19.10 -7.68
N ARG B 227 14.09 -20.06 -6.95
CA ARG B 227 13.98 -20.05 -5.50
C ARG B 227 15.10 -19.17 -4.99
N LEU B 228 14.84 -18.29 -4.04
CA LEU B 228 15.90 -17.54 -3.36
C LEU B 228 16.42 -18.31 -2.17
N VAL B 229 17.71 -18.61 -2.20
CA VAL B 229 18.35 -19.36 -1.14
C VAL B 229 19.53 -18.59 -0.51
N ARG B 230 20.02 -19.09 0.62
CA ARG B 230 21.13 -18.45 1.32
C ARG B 230 21.87 -19.51 2.12
C1 GOL C . 0.64 -1.25 -8.56
O1 GOL C . -0.74 -1.45 -8.34
C2 GOL C . 1.34 -2.56 -8.25
O2 GOL C . 2.24 -2.35 -7.21
C3 GOL C . 2.14 -3.17 -9.40
O3 GOL C . 2.55 -4.48 -9.07
H11 GOL C . 1.02 -0.46 -7.91
H12 GOL C . 0.82 -0.96 -9.59
HO1 GOL C . -1.22 -0.62 -8.46
H2 GOL C . 0.59 -3.29 -7.94
HO2 GOL C . 2.65 -3.21 -6.96
H31 GOL C . 3.03 -2.55 -9.60
H32 GOL C . 1.54 -3.18 -10.31
HO3 GOL C . 3.09 -4.87 -9.80
C1 GOL D . 4.31 -8.49 -29.04
O1 GOL D . 3.29 -7.66 -28.51
C2 GOL D . 3.81 -9.22 -30.29
O2 GOL D . 2.54 -8.72 -30.65
C3 GOL D . 3.70 -10.71 -30.03
O3 GOL D . 3.04 -11.33 -31.12
H11 GOL D . 4.60 -9.23 -28.29
H12 GOL D . 5.18 -7.89 -29.28
HO1 GOL D . 3.59 -7.25 -27.68
H2 GOL D . 4.52 -9.05 -31.10
HO2 GOL D . 2.22 -9.19 -31.46
H31 GOL D . 3.14 -10.90 -29.11
H32 GOL D . 4.69 -11.15 -29.91
HO3 GOL D . 2.12 -10.99 -31.17
C1 GOL E . 19.79 -24.67 0.18
O1 GOL E . 19.40 -23.43 0.74
C2 GOL E . 18.85 -25.11 -0.95
O2 GOL E . 18.35 -26.38 -0.66
C3 GOL E . 19.61 -25.18 -2.29
O3 GOL E . 18.74 -25.40 -3.38
H11 GOL E . 19.80 -25.44 0.95
H12 GOL E . 20.81 -24.58 -0.21
HO1 GOL E . 19.98 -23.23 1.50
H2 GOL E . 18.04 -24.39 -1.04
HO2 GOL E . 17.75 -26.68 -1.37
H31 GOL E . 20.35 -25.97 -2.24
H32 GOL E . 20.15 -24.23 -2.44
HO3 GOL E . 19.26 -25.42 -4.21
#